data_4LRJ
#
_entry.id   4LRJ
#
_cell.length_a   40.698
_cell.length_b   98.205
_cell.length_c   40.774
_cell.angle_alpha   90.00
_cell.angle_beta   96.31
_cell.angle_gamma   90.00
#
_symmetry.space_group_name_H-M   'P 1 21 1'
#
loop_
_entity.id
_entity.type
_entity.pdbx_description
1 polymer 'Effector NleH1'
2 non-polymer 'PHOSPHOAMINOPHOSPHONIC ACID-ADENYLATE ESTER'
3 non-polymer 'MAGNESIUM ION'
4 water water
#
_entity_poly.entity_id   1
_entity_poly.type   'polypeptide(L)'
_entity_poly.pdbx_seq_one_letter_code
;SNADYNRLSVPGNVIGKGGNAVVYEDAEDATKVLKMFTTSQSNEEVTSEVRCFNQYYGAGSAEKIYGNNGDIIGIRMDKI
NGESLLNISSLPAQAEHAIYDMFDRLEQKGILFVDTTETNVLYDRAKNEFNPIDISSYNVSDRSWSESQIMQSYHGGKQD
LISVVLSKI
;
_entity_poly.pdbx_strand_id   A,B
#
# COMPACT_ATOMS: atom_id res chain seq x y z
N ARG A 7 22.31 -1.25 7.61
CA ARG A 7 21.75 -1.53 8.94
C ARG A 7 21.55 -3.01 9.12
N LEU A 8 21.00 -3.41 10.28
CA LEU A 8 21.07 -4.80 10.68
C LEU A 8 20.05 -5.76 10.06
N SER A 9 18.77 -5.39 10.02
CA SER A 9 17.74 -6.29 9.50
C SER A 9 17.81 -6.43 7.98
N VAL A 10 17.69 -7.65 7.49
CA VAL A 10 17.91 -7.92 6.06
C VAL A 10 16.60 -8.27 5.36
N PRO A 11 16.22 -7.46 4.36
CA PRO A 11 14.96 -7.68 3.66
C PRO A 11 15.05 -8.69 2.50
N GLY A 12 14.01 -9.51 2.36
CA GLY A 12 13.85 -10.33 1.18
C GLY A 12 12.99 -9.58 0.18
N ASN A 13 12.02 -10.25 -0.44
CA ASN A 13 11.08 -9.60 -1.34
C ASN A 13 10.08 -8.77 -0.57
N VAL A 14 9.49 -7.77 -1.22
CA VAL A 14 8.38 -7.08 -0.62
C VAL A 14 7.12 -7.95 -0.78
N ILE A 15 6.49 -8.29 0.34
CA ILE A 15 5.28 -9.09 0.37
C ILE A 15 4.06 -8.22 0.07
N GLY A 16 4.08 -7.01 0.59
CA GLY A 16 2.99 -6.08 0.40
C GLY A 16 3.19 -4.86 1.26
N LYS A 17 2.28 -3.92 1.16
CA LYS A 17 2.35 -2.74 2.00
C LYS A 17 0.96 -2.16 2.26
N GLY A 18 0.91 -1.22 3.20
CA GLY A 18 -0.29 -0.48 3.51
C GLY A 18 0.03 0.99 3.68
N GLY A 19 -0.86 1.71 4.35
CA GLY A 19 -0.66 3.12 4.60
C GLY A 19 0.23 3.40 5.79
N ASN A 20 0.62 2.33 6.49
CA ASN A 20 1.45 2.48 7.68
C ASN A 20 2.83 1.83 7.57
N ALA A 21 2.98 0.88 6.65
CA ALA A 21 4.20 0.09 6.60
C ALA A 21 4.43 -0.63 5.27
N VAL A 22 5.69 -0.96 5.02
CA VAL A 22 6.08 -1.88 3.96
C VAL A 22 6.49 -3.17 4.64
N VAL A 23 6.02 -4.30 4.13
CA VAL A 23 6.36 -5.59 4.72
C VAL A 23 7.30 -6.36 3.79
N TYR A 24 8.48 -6.69 4.30
CA TYR A 24 9.48 -7.47 3.59
C TYR A 24 9.55 -8.86 4.19
N GLU A 25 9.89 -9.86 3.39
CA GLU A 25 10.35 -11.12 3.95
C GLU A 25 11.62 -10.81 4.76
N ASP A 26 11.84 -11.56 5.83
CA ASP A 26 13.12 -11.55 6.53
C ASP A 26 14.05 -12.50 5.78
N ALA A 27 15.11 -11.95 5.19
CA ALA A 27 16.04 -12.72 4.37
C ALA A 27 16.90 -13.66 5.21
N GLU A 28 16.91 -13.42 6.51
CA GLU A 28 17.68 -14.22 7.44
C GLU A 28 16.87 -15.31 8.15
N ASP A 29 15.54 -15.20 8.10
CA ASP A 29 14.64 -16.17 8.72
C ASP A 29 13.39 -16.29 7.87
N ALA A 30 13.26 -17.44 7.20
CA ALA A 30 12.17 -17.65 6.26
C ALA A 30 10.78 -17.73 6.93
N THR A 31 10.74 -17.85 8.25
CA THR A 31 9.48 -17.94 8.98
C THR A 31 9.01 -16.57 9.47
N LYS A 32 9.76 -15.52 9.14
CA LYS A 32 9.50 -14.17 9.64
C LYS A 32 9.31 -13.16 8.53
N VAL A 33 8.61 -12.07 8.85
CA VAL A 33 8.50 -10.91 7.98
C VAL A 33 8.95 -9.67 8.76
N LEU A 34 9.32 -8.64 8.03
CA LEU A 34 9.74 -7.39 8.64
C LEU A 34 8.74 -6.34 8.24
N LYS A 35 7.95 -5.87 9.20
CA LYS A 35 6.99 -4.80 8.93
C LYS A 35 7.60 -3.46 9.30
N MET A 36 7.99 -2.69 8.29
CA MET A 36 8.75 -1.46 8.50
C MET A 36 7.89 -0.21 8.30
N PHE A 37 7.68 0.53 9.38
CA PHE A 37 6.75 1.67 9.38
C PHE A 37 7.19 2.82 8.47
N THR A 38 6.23 3.31 7.70
CA THR A 38 6.47 4.41 6.78
C THR A 38 5.85 5.68 7.35
N THR A 39 4.94 5.52 8.31
CA THR A 39 4.32 6.63 9.01
C THR A 39 4.47 6.51 10.54
N SER A 40 4.37 7.63 11.24
CA SER A 40 4.63 7.65 12.68
C SER A 40 3.63 6.83 13.47
N GLN A 41 4.13 6.04 14.39
CA GLN A 41 3.28 5.22 15.24
C GLN A 41 3.54 5.64 16.66
N SER A 42 2.52 5.56 17.50
CA SER A 42 2.74 5.81 18.91
C SER A 42 3.36 4.55 19.50
N ASN A 43 4.16 4.70 20.54
CA ASN A 43 4.79 3.56 21.20
C ASN A 43 3.75 2.56 21.69
N GLU A 44 2.64 3.06 22.23
CA GLU A 44 1.58 2.22 22.78
C GLU A 44 0.88 1.38 21.70
N GLU A 45 0.63 2.01 20.55
CA GLU A 45 0.08 1.36 19.37
C GLU A 45 0.87 0.11 18.99
N VAL A 46 2.19 0.29 18.85
CA VAL A 46 3.07 -0.78 18.39
C VAL A 46 3.19 -1.88 19.45
N THR A 47 3.28 -1.47 20.71
CA THR A 47 3.38 -2.38 21.84
C THR A 47 2.17 -3.29 21.95
N SER A 48 0.98 -2.73 21.72
CA SER A 48 -0.27 -3.49 21.75
C SER A 48 -0.38 -4.46 20.57
N GLU A 49 0.00 -3.98 19.38
CA GLU A 49 0.05 -4.81 18.17
C GLU A 49 0.93 -6.03 18.39
N VAL A 50 2.13 -5.80 18.90
CA VAL A 50 3.07 -6.88 19.21
C VAL A 50 2.54 -7.81 20.30
N ARG A 51 2.03 -7.24 21.38
CA ARG A 51 1.47 -8.00 22.49
CA ARG A 51 1.51 -8.04 22.48
C ARG A 51 0.33 -8.89 22.05
N CYS A 52 -0.55 -8.35 21.21
CA CYS A 52 -1.69 -9.12 20.72
C CYS A 52 -1.27 -10.27 19.81
N PHE A 53 -0.25 -10.04 19.01
CA PHE A 53 0.22 -11.05 18.06
C PHE A 53 0.82 -12.22 18.83
N ASN A 54 1.53 -11.92 19.92
CA ASN A 54 2.12 -12.93 20.80
C ASN A 54 1.06 -13.66 21.62
N GLN A 55 0.01 -12.95 21.98
CA GLN A 55 -1.03 -13.56 22.79
C GLN A 55 -1.77 -14.60 21.94
N TYR A 56 -2.02 -14.26 20.69
CA TYR A 56 -2.74 -15.13 19.77
C TYR A 56 -1.85 -16.24 19.20
N TYR A 57 -0.68 -15.88 18.73
CA TYR A 57 0.19 -16.84 18.06
C TYR A 57 1.23 -17.46 18.97
N GLY A 58 1.37 -16.97 20.20
CA GLY A 58 2.32 -17.51 21.14
C GLY A 58 3.55 -16.65 21.33
N ALA A 59 4.23 -16.80 22.45
CA ALA A 59 5.45 -16.07 22.74
C ALA A 59 6.49 -16.23 21.64
N GLY A 60 7.24 -15.16 21.36
CA GLY A 60 8.27 -15.17 20.35
C GLY A 60 7.74 -14.96 18.94
N SER A 61 6.43 -14.76 18.82
CA SER A 61 5.78 -14.59 17.53
C SER A 61 6.08 -13.24 16.92
N ALA A 62 6.21 -12.22 17.77
CA ALA A 62 6.45 -10.86 17.31
C ALA A 62 7.41 -10.12 18.23
N GLU A 63 8.25 -9.27 17.65
CA GLU A 63 9.10 -8.39 18.43
C GLU A 63 9.38 -7.10 17.69
N LYS A 64 9.58 -6.02 18.44
CA LYS A 64 9.83 -4.72 17.85
C LYS A 64 11.20 -4.66 17.22
N ILE A 65 11.31 -3.89 16.15
CA ILE A 65 12.58 -3.61 15.53
C ILE A 65 12.95 -2.18 15.89
N TYR A 66 14.19 -1.97 16.27
CA TYR A 66 14.64 -0.66 16.72
C TYR A 66 15.70 -0.09 15.78
N GLY A 67 15.78 1.24 15.74
CA GLY A 67 16.92 1.89 15.11
C GLY A 67 18.02 1.96 16.15
N ASN A 68 19.19 2.47 15.76
CA ASN A 68 20.30 2.60 16.69
C ASN A 68 20.11 3.71 17.73
N ASN A 69 19.13 4.56 17.51
CA ASN A 69 18.80 5.62 18.47
C ASN A 69 17.68 5.23 19.44
N GLY A 70 17.27 3.96 19.39
CA GLY A 70 16.29 3.44 20.33
C GLY A 70 14.84 3.61 19.90
N ASP A 71 14.61 4.24 18.75
CA ASP A 71 13.26 4.43 18.21
C ASP A 71 12.71 3.14 17.65
N ILE A 72 11.42 2.88 17.87
CA ILE A 72 10.74 1.78 17.20
C ILE A 72 10.60 2.12 15.71
N ILE A 73 11.07 1.23 14.84
CA ILE A 73 10.99 1.46 13.41
C ILE A 73 10.22 0.37 12.67
N GLY A 74 9.84 -0.68 13.38
CA GLY A 74 9.12 -1.78 12.76
C GLY A 74 8.80 -2.94 13.68
N ILE A 75 8.34 -4.03 13.08
CA ILE A 75 8.04 -5.25 13.81
C ILE A 75 8.53 -6.44 13.01
N ARG A 76 9.27 -7.32 13.67
CA ARG A 76 9.64 -8.61 13.09
C ARG A 76 8.69 -9.67 13.63
N MET A 77 7.95 -10.32 12.74
CA MET A 77 6.92 -11.25 13.21
C MET A 77 6.76 -12.44 12.30
N ASP A 78 6.13 -13.48 12.82
CA ASP A 78 5.83 -14.70 12.05
C ASP A 78 5.21 -14.38 10.68
N LYS A 79 5.72 -15.02 9.64
CA LYS A 79 5.04 -15.00 8.35
C LYS A 79 3.82 -15.91 8.49
N ILE A 80 2.65 -15.34 8.25
CA ILE A 80 1.39 -16.04 8.36
C ILE A 80 1.07 -16.70 7.02
N ASN A 81 0.69 -17.97 7.06
CA ASN A 81 0.41 -18.73 5.85
C ASN A 81 -0.97 -18.44 5.26
N GLY A 82 -1.06 -18.44 3.93
CA GLY A 82 -2.35 -18.35 3.30
C GLY A 82 -2.51 -17.25 2.26
N GLU A 83 -3.71 -17.20 1.68
CA GLU A 83 -4.05 -16.28 0.61
C GLU A 83 -5.00 -15.24 1.17
N SER A 84 -4.90 -14.02 0.65
CA SER A 84 -5.75 -12.94 1.12
C SER A 84 -7.20 -13.20 0.70
N LEU A 85 -8.13 -12.92 1.60
CA LEU A 85 -9.56 -13.09 1.34
C LEU A 85 -10.02 -12.08 0.30
N LEU A 86 -9.23 -11.03 0.12
CA LEU A 86 -9.47 -10.02 -0.90
C LEU A 86 -9.44 -10.62 -2.29
N ASN A 87 -8.64 -11.67 -2.47
CA ASN A 87 -8.40 -12.28 -3.77
C ASN A 87 -9.17 -13.59 -4.00
N ILE A 88 -9.83 -14.07 -2.96
CA ILE A 88 -10.57 -15.32 -3.01
C ILE A 88 -11.99 -15.05 -3.47
N SER A 89 -12.45 -15.85 -4.45
CA SER A 89 -13.80 -15.71 -4.98
C SER A 89 -14.64 -16.98 -4.84
N SER A 90 -14.07 -17.98 -4.16
CA SER A 90 -14.72 -19.24 -3.89
C SER A 90 -14.13 -19.90 -2.66
N LEU A 91 -14.99 -20.43 -1.80
CA LEU A 91 -14.56 -21.14 -0.61
C LEU A 91 -15.38 -22.40 -0.47
N PRO A 92 -14.80 -23.44 0.17
CA PRO A 92 -15.53 -24.65 0.52
C PRO A 92 -16.52 -24.39 1.65
N ALA A 93 -17.55 -25.21 1.74
CA ALA A 93 -18.54 -25.08 2.81
C ALA A 93 -17.90 -25.13 4.20
N GLN A 94 -16.76 -25.81 4.32
CA GLN A 94 -16.05 -25.89 5.60
C GLN A 94 -15.47 -24.55 6.05
N ALA A 95 -15.33 -23.62 5.11
CA ALA A 95 -14.77 -22.31 5.42
C ALA A 95 -15.66 -21.51 6.38
N GLU A 96 -16.95 -21.82 6.37
CA GLU A 96 -17.86 -21.18 7.30
C GLU A 96 -17.48 -21.52 8.75
N HIS A 97 -17.16 -22.78 8.99
CA HIS A 97 -16.71 -23.22 10.30
C HIS A 97 -15.35 -22.64 10.64
N ALA A 98 -14.54 -22.41 9.61
CA ALA A 98 -13.21 -21.84 9.81
C ALA A 98 -13.21 -20.38 10.27
N ILE A 99 -14.13 -19.56 9.76
CA ILE A 99 -14.16 -18.15 10.17
C ILE A 99 -14.74 -17.99 11.58
N TYR A 100 -15.74 -18.83 11.88
CA TYR A 100 -16.28 -18.94 13.24
C TYR A 100 -15.19 -19.32 14.24
N ASP A 101 -14.39 -20.33 13.87
CA ASP A 101 -13.33 -20.83 14.73
C ASP A 101 -12.29 -19.76 15.01
N MET A 102 -12.05 -18.88 14.04
CA MET A 102 -11.04 -17.83 14.21
C MET A 102 -11.47 -16.83 15.27
N PHE A 103 -12.71 -16.38 15.18
CA PHE A 103 -13.27 -15.49 16.20
C PHE A 103 -13.34 -16.14 17.57
N ASP A 104 -13.72 -17.41 17.61
CA ASP A 104 -13.71 -18.17 18.86
C ASP A 104 -12.33 -18.17 19.48
N ARG A 105 -11.30 -18.39 18.67
CA ARG A 105 -9.91 -18.42 19.16
C ARG A 105 -9.42 -17.08 19.67
N LEU A 106 -9.70 -16.01 18.92
CA LEU A 106 -9.36 -14.66 19.35
C LEU A 106 -10.03 -14.36 20.68
N GLU A 107 -11.35 -14.53 20.74
CA GLU A 107 -12.16 -14.22 21.91
C GLU A 107 -11.71 -15.01 23.15
N GLN A 108 -11.30 -16.27 22.94
CA GLN A 108 -10.76 -17.11 24.01
C GLN A 108 -9.41 -16.61 24.56
N LYS A 109 -8.67 -15.86 23.74
CA LYS A 109 -7.42 -15.24 24.17
C LYS A 109 -7.66 -13.84 24.74
N GLY A 110 -8.92 -13.46 24.86
CA GLY A 110 -9.29 -12.16 25.38
C GLY A 110 -9.28 -11.05 24.33
N ILE A 111 -9.14 -11.41 23.06
CA ILE A 111 -9.06 -10.41 22.00
C ILE A 111 -10.41 -10.15 21.31
N LEU A 112 -10.79 -8.88 21.28
CA LEU A 112 -11.93 -8.42 20.50
C LEU A 112 -11.38 -7.74 19.24
N PHE A 113 -11.14 -8.56 18.23
CA PHE A 113 -10.54 -8.16 16.95
C PHE A 113 -11.16 -6.89 16.38
N VAL A 114 -10.34 -5.85 16.19
CA VAL A 114 -10.82 -4.55 15.72
C VAL A 114 -10.90 -4.47 14.20
N ASP A 115 -9.79 -4.71 13.52
CA ASP A 115 -9.75 -4.54 12.08
CA ASP A 115 -9.72 -4.55 12.07
C ASP A 115 -10.13 -5.83 11.33
N THR A 116 -11.43 -6.03 11.19
CA THR A 116 -11.99 -7.22 10.56
C THR A 116 -12.23 -7.03 9.06
N THR A 117 -11.24 -6.45 8.37
CA THR A 117 -11.34 -6.24 6.92
C THR A 117 -10.74 -7.45 6.19
N GLU A 118 -11.21 -7.69 4.98
CA GLU A 118 -10.82 -8.87 4.23
C GLU A 118 -9.34 -8.89 3.85
N THR A 119 -8.68 -7.74 3.98
CA THR A 119 -7.25 -7.66 3.72
C THR A 119 -6.45 -7.97 4.98
N ASN A 120 -7.13 -8.15 6.11
CA ASN A 120 -6.47 -8.41 7.38
C ASN A 120 -6.55 -9.85 7.88
N VAL A 121 -7.08 -10.73 7.05
CA VAL A 121 -7.02 -12.17 7.34
C VAL A 121 -6.55 -12.95 6.11
N LEU A 122 -5.84 -14.04 6.37
CA LEU A 122 -5.39 -14.93 5.32
C LEU A 122 -6.10 -16.27 5.45
N TYR A 123 -6.48 -16.85 4.31
CA TYR A 123 -7.06 -18.19 4.30
C TYR A 123 -6.02 -19.22 3.86
N ASP A 124 -5.75 -20.17 4.75
CA ASP A 124 -4.88 -21.31 4.48
C ASP A 124 -5.80 -22.40 3.97
N ARG A 125 -5.76 -22.66 2.67
CA ARG A 125 -6.75 -23.55 2.05
C ARG A 125 -6.51 -25.03 2.36
N ALA A 126 -5.24 -25.43 2.40
CA ALA A 126 -4.86 -26.78 2.79
C ALA A 126 -5.37 -27.11 4.19
N LYS A 127 -5.18 -26.19 5.13
CA LYS A 127 -5.59 -26.42 6.53
C LYS A 127 -7.03 -25.98 6.83
N ASN A 128 -7.66 -25.27 5.92
CA ASN A 128 -8.96 -24.65 6.18
C ASN A 128 -8.93 -23.77 7.42
N GLU A 129 -7.96 -22.87 7.47
CA GLU A 129 -7.84 -21.95 8.59
C GLU A 129 -7.77 -20.51 8.12
N PHE A 130 -8.48 -19.65 8.83
CA PHE A 130 -8.30 -18.22 8.68
C PHE A 130 -7.37 -17.72 9.78
N ASN A 131 -6.42 -16.89 9.40
CA ASN A 131 -5.48 -16.32 10.36
C ASN A 131 -5.45 -14.80 10.25
N PRO A 132 -5.62 -14.08 11.37
CA PRO A 132 -5.54 -12.61 11.36
C PRO A 132 -4.09 -12.12 11.28
N ILE A 133 -3.88 -11.02 10.57
CA ILE A 133 -2.54 -10.49 10.32
C ILE A 133 -2.15 -9.47 11.37
N ASP A 134 -2.83 -8.31 11.35
CA ASP A 134 -2.64 -7.26 12.34
C ASP A 134 -3.73 -7.32 13.37
N ILE A 135 -3.33 -7.58 14.61
CA ILE A 135 -4.29 -7.76 15.66
C ILE A 135 -4.25 -6.63 16.68
N SER A 136 -5.40 -5.99 16.86
CA SER A 136 -5.60 -5.04 17.94
C SER A 136 -6.93 -5.41 18.58
N SER A 137 -7.16 -4.93 19.80
CA SER A 137 -8.36 -5.29 20.54
C SER A 137 -9.10 -4.06 21.05
N TYR A 138 -10.42 -4.11 21.03
CA TYR A 138 -11.22 -3.09 21.71
C TYR A 138 -10.90 -3.21 23.19
N ASN A 139 -10.78 -2.09 23.89
CA ASN A 139 -10.64 -2.18 25.34
C ASN A 139 -11.20 -0.96 26.06
N VAL A 140 -11.54 -1.15 27.33
CA VAL A 140 -12.09 -0.07 28.14
C VAL A 140 -10.97 0.86 28.58
N SER A 141 -11.13 2.16 28.27
CA SER A 141 -10.14 3.16 28.68
C SER A 141 -10.78 4.33 29.44
N TRP A 145 -14.97 4.94 24.07
CA TRP A 145 -15.44 3.56 24.08
C TRP A 145 -16.07 3.14 25.41
N SER A 146 -17.40 3.16 25.47
CA SER A 146 -18.13 2.54 26.57
C SER A 146 -18.34 1.08 26.23
N GLU A 147 -18.59 0.26 27.24
CA GLU A 147 -18.83 -1.16 27.06
C GLU A 147 -19.91 -1.46 26.01
N SER A 148 -21.00 -0.72 26.04
CA SER A 148 -22.11 -0.94 25.11
C SER A 148 -21.76 -0.56 23.68
N GLN A 149 -20.91 0.44 23.54
CA GLN A 149 -20.48 0.90 22.22
C GLN A 149 -19.48 -0.06 21.59
N ILE A 150 -18.55 -0.56 22.41
CA ILE A 150 -17.59 -1.57 21.98
C ILE A 150 -18.26 -2.83 21.47
N MET A 151 -19.26 -3.30 22.20
CA MET A 151 -19.98 -4.52 21.83
C MET A 151 -20.69 -4.36 20.50
N GLN A 152 -21.25 -3.18 20.26
CA GLN A 152 -21.92 -2.88 19.00
C GLN A 152 -20.91 -2.83 17.86
N SER A 153 -19.81 -2.14 18.10
CA SER A 153 -18.76 -1.99 17.09
CA SER A 153 -18.76 -1.97 17.10
C SER A 153 -18.06 -3.32 16.83
N TYR A 154 -17.84 -4.11 17.88
CA TYR A 154 -17.23 -5.41 17.68
C TYR A 154 -18.16 -6.34 16.92
N HIS A 155 -19.42 -6.37 17.34
CA HIS A 155 -20.44 -7.13 16.64
C HIS A 155 -20.46 -6.81 15.14
N GLY A 156 -20.49 -5.52 14.82
CA GLY A 156 -20.57 -5.08 13.44
C GLY A 156 -19.44 -5.60 12.57
N GLY A 157 -18.23 -5.52 13.09
CA GLY A 157 -17.07 -5.98 12.34
C GLY A 157 -17.03 -7.48 12.15
N LYS A 158 -17.34 -8.21 13.22
CA LYS A 158 -17.32 -9.67 13.22
C LYS A 158 -18.34 -10.24 12.25
N GLN A 159 -19.54 -9.68 12.26
CA GLN A 159 -20.59 -10.15 11.35
C GLN A 159 -20.31 -9.73 9.90
N ASP A 160 -19.73 -8.55 9.70
CA ASP A 160 -19.32 -8.12 8.38
C ASP A 160 -18.34 -9.13 7.75
N LEU A 161 -17.26 -9.44 8.46
CA LEU A 161 -16.22 -10.35 7.94
C LEU A 161 -16.76 -11.75 7.67
N ILE A 162 -17.64 -12.22 8.55
CA ILE A 162 -18.34 -13.48 8.37
C ILE A 162 -19.18 -13.43 7.09
N SER A 163 -19.81 -12.29 6.82
CA SER A 163 -20.60 -12.11 5.60
CA SER A 163 -20.60 -12.10 5.60
C SER A 163 -19.73 -12.22 4.35
N VAL A 164 -18.53 -11.63 4.40
CA VAL A 164 -17.57 -11.68 3.30
C VAL A 164 -17.24 -13.13 2.97
N VAL A 165 -17.03 -13.95 4.00
CA VAL A 165 -16.68 -15.35 3.83
C VAL A 165 -17.84 -16.17 3.30
N LEU A 166 -19.00 -16.04 3.92
CA LEU A 166 -20.15 -16.87 3.59
C LEU A 166 -20.65 -16.66 2.16
N SER A 167 -20.43 -15.46 1.64
CA SER A 167 -20.86 -15.11 0.29
C SER A 167 -19.96 -15.72 -0.80
N LYS A 168 -18.83 -16.30 -0.38
CA LYS A 168 -17.95 -17.00 -1.30
C LYS A 168 -18.25 -18.50 -1.36
N ILE A 169 -19.21 -18.94 -0.55
CA ILE A 169 -19.54 -20.36 -0.45
C ILE A 169 -20.72 -20.72 -1.36
N LEU B 8 7.51 -12.06 -21.41
CA LEU B 8 7.54 -12.88 -20.21
C LEU B 8 6.37 -12.50 -19.31
N SER B 9 6.18 -11.20 -19.12
CA SER B 9 5.06 -10.68 -18.35
C SER B 9 3.74 -10.92 -19.09
N VAL B 10 2.68 -11.14 -18.32
CA VAL B 10 1.37 -11.43 -18.90
C VAL B 10 0.47 -10.20 -18.79
N PRO B 11 -0.07 -9.74 -19.92
CA PRO B 11 -0.94 -8.56 -19.91
C PRO B 11 -2.42 -8.89 -19.73
N GLY B 12 -3.08 -8.13 -18.86
CA GLY B 12 -4.52 -8.12 -18.78
C GLY B 12 -5.03 -7.00 -19.66
N ASN B 13 -5.99 -6.23 -19.18
CA ASN B 13 -6.53 -5.14 -19.99
C ASN B 13 -5.58 -3.95 -20.12
N VAL B 14 -5.77 -3.15 -21.17
CA VAL B 14 -5.04 -1.91 -21.31
C VAL B 14 -5.71 -0.84 -20.46
N ILE B 15 -4.98 -0.28 -19.50
CA ILE B 15 -5.53 0.74 -18.62
C ILE B 15 -5.15 2.13 -19.08
N GLY B 16 -4.21 2.20 -20.02
CA GLY B 16 -3.81 3.46 -20.60
C GLY B 16 -2.70 3.36 -21.63
N LYS B 17 -2.40 4.49 -22.24
CA LYS B 17 -1.32 4.56 -23.21
C LYS B 17 -0.93 6.02 -23.40
N GLY B 18 0.19 6.22 -24.05
CA GLY B 18 0.69 7.56 -24.32
C GLY B 18 1.56 7.45 -25.55
N GLY B 19 2.39 8.45 -25.79
CA GLY B 19 3.24 8.45 -26.97
C GLY B 19 4.45 7.55 -26.83
N ASN B 20 4.73 7.13 -25.60
CA ASN B 20 5.94 6.37 -25.29
C ASN B 20 5.67 4.93 -24.87
N ALA B 21 4.50 4.66 -24.30
CA ALA B 21 4.25 3.37 -23.69
C ALA B 21 2.78 3.00 -23.67
N VAL B 22 2.53 1.70 -23.58
CA VAL B 22 1.20 1.16 -23.34
C VAL B 22 1.19 0.54 -21.95
N VAL B 23 0.23 0.94 -21.13
CA VAL B 23 0.12 0.46 -19.74
C VAL B 23 -0.95 -0.64 -19.58
N TYR B 24 -0.51 -1.86 -19.32
CA TYR B 24 -1.41 -2.99 -19.14
C TYR B 24 -1.61 -3.26 -17.64
N GLU B 25 -2.74 -3.86 -17.28
CA GLU B 25 -2.85 -4.50 -15.98
C GLU B 25 -1.88 -5.67 -15.96
N ASP B 26 -1.25 -5.91 -14.82
CA ASP B 26 -0.48 -7.13 -14.63
C ASP B 26 -1.48 -8.25 -14.35
N ALA B 27 -1.59 -9.20 -15.27
CA ALA B 27 -2.59 -10.26 -15.13
C ALA B 27 -2.25 -11.21 -13.98
N GLU B 28 -0.99 -11.20 -13.55
CA GLU B 28 -0.54 -12.08 -12.49
C GLU B 28 -0.56 -11.40 -11.11
N ASP B 29 -0.69 -10.08 -11.11
CA ASP B 29 -0.80 -9.34 -9.86
C ASP B 29 -1.71 -8.15 -10.07
N ALA B 30 -2.86 -8.17 -9.42
CA ALA B 30 -3.85 -7.14 -9.64
C ALA B 30 -3.46 -5.81 -8.97
N THR B 31 -2.41 -5.83 -8.16
CA THR B 31 -1.94 -4.61 -7.52
C THR B 31 -0.93 -3.87 -8.40
N LYS B 32 -0.58 -4.47 -9.53
CA LYS B 32 0.48 -3.98 -10.41
C LYS B 32 0.03 -3.64 -11.82
N VAL B 33 0.81 -2.79 -12.50
CA VAL B 33 0.64 -2.54 -13.93
C VAL B 33 1.94 -2.82 -14.68
N LEU B 34 1.83 -3.00 -15.99
CA LEU B 34 3.00 -3.19 -16.84
C LEU B 34 3.07 -2.04 -17.85
N LYS B 35 3.92 -1.06 -17.58
CA LYS B 35 4.15 0.03 -18.51
CA LYS B 35 4.16 0.03 -18.52
C LYS B 35 5.21 -0.37 -19.54
N MET B 36 4.76 -0.76 -20.72
CA MET B 36 5.65 -1.27 -21.78
C MET B 36 5.95 -0.21 -22.81
N PHE B 37 7.24 0.08 -22.97
CA PHE B 37 7.72 1.15 -23.85
C PHE B 37 7.59 0.79 -25.34
N THR B 38 7.01 1.72 -26.11
CA THR B 38 6.79 1.51 -27.54
C THR B 38 7.80 2.30 -28.37
N THR B 39 8.87 2.73 -27.72
CA THR B 39 9.99 3.41 -28.36
C THR B 39 11.11 3.58 -27.35
N SER B 40 12.36 3.58 -27.80
CA SER B 40 13.53 3.65 -26.92
C SER B 40 13.48 4.77 -25.87
N GLN B 41 14.00 4.48 -24.67
CA GLN B 41 13.98 5.42 -23.57
C GLN B 41 15.41 5.61 -23.02
N SER B 42 15.67 6.76 -22.40
CA SER B 42 16.95 6.98 -21.75
C SER B 42 17.01 6.15 -20.45
N ASN B 43 17.99 5.25 -20.35
CA ASN B 43 18.16 4.39 -19.18
C ASN B 43 18.20 5.20 -17.87
N GLU B 44 18.81 6.38 -17.96
CA GLU B 44 19.02 7.26 -16.82
C GLU B 44 17.69 7.91 -16.42
N GLU B 45 16.84 8.15 -17.41
CA GLU B 45 15.52 8.74 -17.16
C GLU B 45 14.56 7.74 -16.50
N VAL B 46 14.57 6.49 -16.98
CA VAL B 46 13.76 5.43 -16.40
C VAL B 46 14.25 5.04 -15.00
N THR B 47 15.56 4.88 -14.81
CA THR B 47 16.12 4.58 -13.50
C THR B 47 15.70 5.61 -12.45
N SER B 48 15.78 6.90 -12.81
CA SER B 48 15.33 7.98 -11.92
C SER B 48 13.85 7.87 -11.59
N GLU B 49 13.05 7.68 -12.63
CA GLU B 49 11.61 7.55 -12.50
C GLU B 49 11.23 6.38 -11.60
N VAL B 50 11.96 5.27 -11.71
CA VAL B 50 11.75 4.10 -10.83
C VAL B 50 12.13 4.39 -9.37
N ARG B 51 13.25 5.06 -9.17
CA ARG B 51 13.73 5.38 -7.82
C ARG B 51 12.81 6.38 -7.11
N CYS B 52 12.34 7.37 -7.85
CA CYS B 52 11.38 8.33 -7.30
C CYS B 52 10.06 7.68 -6.89
N PHE B 53 9.57 6.73 -7.70
CA PHE B 53 8.33 6.00 -7.43
C PHE B 53 8.43 5.18 -6.14
N ASN B 54 9.54 4.47 -5.96
CA ASN B 54 9.81 3.74 -4.71
C ASN B 54 10.04 4.67 -3.53
N GLN B 55 10.73 5.79 -3.76
CA GLN B 55 10.95 6.80 -2.74
C GLN B 55 9.62 7.33 -2.21
N TYR B 56 8.72 7.67 -3.12
CA TYR B 56 7.44 8.24 -2.74
C TYR B 56 6.46 7.20 -2.18
N TYR B 57 6.35 6.06 -2.84
CA TYR B 57 5.35 5.04 -2.49
C TYR B 57 5.85 3.90 -1.60
N GLY B 58 7.18 3.74 -1.46
CA GLY B 58 7.74 2.69 -0.64
C GLY B 58 8.50 1.66 -1.46
N ALA B 59 9.32 0.85 -0.80
CA ALA B 59 10.10 -0.15 -1.53
C ALA B 59 9.21 -1.16 -2.25
N GLY B 60 9.69 -1.62 -3.41
CA GLY B 60 9.02 -2.64 -4.17
C GLY B 60 7.80 -2.14 -4.92
N SER B 61 7.64 -0.82 -4.99
CA SER B 61 6.51 -0.23 -5.69
C SER B 61 6.73 -0.22 -7.19
N ALA B 62 8.00 -0.12 -7.61
CA ALA B 62 8.37 -0.12 -9.00
C ALA B 62 9.66 -0.92 -9.25
N GLU B 63 9.74 -1.53 -10.42
CA GLU B 63 10.90 -2.30 -10.83
C GLU B 63 11.01 -2.26 -12.34
N LYS B 64 12.23 -2.24 -12.83
CA LYS B 64 12.43 -2.22 -14.27
C LYS B 64 12.13 -3.58 -14.83
N ILE B 65 11.69 -3.61 -16.08
CA ILE B 65 11.56 -4.85 -16.82
C ILE B 65 12.63 -4.86 -17.90
N TYR B 66 13.35 -5.98 -18.01
CA TYR B 66 14.53 -6.07 -18.86
C TYR B 66 14.30 -7.02 -20.02
N GLY B 67 15.01 -6.78 -21.13
CA GLY B 67 15.13 -7.77 -22.20
C GLY B 67 16.29 -8.70 -21.85
N ASN B 68 16.48 -9.77 -22.62
CA ASN B 68 17.57 -10.71 -22.32
C ASN B 68 18.96 -10.07 -22.47
N ASN B 69 19.03 -8.95 -23.18
CA ASN B 69 20.28 -8.26 -23.43
C ASN B 69 20.56 -7.08 -22.49
N GLY B 70 19.78 -6.99 -21.41
CA GLY B 70 19.98 -5.95 -20.41
C GLY B 70 19.27 -4.66 -20.75
N ASP B 71 18.53 -4.66 -21.86
CA ASP B 71 17.79 -3.48 -22.29
C ASP B 71 16.55 -3.28 -21.45
N ILE B 72 16.25 -2.03 -21.11
CA ILE B 72 15.04 -1.71 -20.36
C ILE B 72 13.82 -1.65 -21.29
N ILE B 73 12.90 -2.59 -21.12
CA ILE B 73 11.72 -2.69 -21.98
C ILE B 73 10.45 -2.14 -21.34
N GLY B 74 10.48 -1.97 -20.02
CA GLY B 74 9.35 -1.35 -19.35
C GLY B 74 9.55 -1.16 -17.87
N ILE B 75 8.45 -0.93 -17.17
CA ILE B 75 8.47 -0.85 -15.72
C ILE B 75 7.28 -1.62 -15.19
N ARG B 76 7.50 -2.45 -14.18
CA ARG B 76 6.39 -3.04 -13.45
CA ARG B 76 6.39 -3.04 -13.45
C ARG B 76 6.18 -2.24 -12.18
N MET B 77 5.02 -1.61 -12.07
CA MET B 77 4.77 -0.74 -10.93
C MET B 77 3.37 -0.92 -10.34
N ASP B 78 3.14 -0.30 -9.19
CA ASP B 78 1.84 -0.30 -8.54
C ASP B 78 0.78 0.30 -9.45
N LYS B 79 -0.37 -0.35 -9.49
CA LYS B 79 -1.56 0.25 -10.10
C LYS B 79 -2.00 1.32 -9.14
N ILE B 80 -1.96 2.57 -9.59
CA ILE B 80 -2.31 3.68 -8.74
C ILE B 80 -3.82 3.86 -8.70
N ASN B 81 -4.35 4.09 -7.52
CA ASN B 81 -5.80 4.26 -7.35
C ASN B 81 -6.32 5.62 -7.83
N GLY B 82 -7.52 5.61 -8.37
CA GLY B 82 -8.17 6.84 -8.78
C GLY B 82 -8.40 6.93 -10.27
N GLU B 83 -9.03 8.01 -10.71
CA GLU B 83 -9.17 8.26 -12.15
C GLU B 83 -8.36 9.47 -12.59
N SER B 84 -7.99 9.45 -13.87
CA SER B 84 -7.20 10.50 -14.49
C SER B 84 -7.96 11.82 -14.51
N LEU B 85 -7.26 12.91 -14.19
CA LEU B 85 -7.83 14.26 -14.31
C LEU B 85 -8.23 14.59 -15.74
N LEU B 86 -7.68 13.83 -16.69
CA LEU B 86 -7.97 14.02 -18.11
C LEU B 86 -9.47 14.01 -18.41
N ASN B 87 -10.21 13.19 -17.67
CA ASN B 87 -11.62 12.99 -17.96
C ASN B 87 -12.60 13.51 -16.91
N ILE B 88 -12.07 14.05 -15.81
CA ILE B 88 -12.89 14.66 -14.77
C ILE B 88 -13.26 16.09 -15.13
N SER B 89 -14.54 16.44 -14.97
CA SER B 89 -14.98 17.82 -15.15
C SER B 89 -15.55 18.41 -13.87
N SER B 90 -15.58 17.60 -12.81
CA SER B 90 -16.10 18.05 -11.53
C SER B 90 -15.37 17.44 -10.34
N LEU B 91 -14.95 18.31 -9.44
CA LEU B 91 -14.34 17.90 -8.18
C LEU B 91 -15.08 18.55 -7.01
N PRO B 92 -15.03 17.93 -5.83
CA PRO B 92 -15.57 18.56 -4.62
C PRO B 92 -14.59 19.57 -4.08
N ALA B 93 -15.04 20.43 -3.18
CA ALA B 93 -14.21 21.51 -2.68
C ALA B 93 -12.99 20.98 -1.92
N GLN B 94 -13.11 19.79 -1.34
CA GLN B 94 -12.02 19.23 -0.55
C GLN B 94 -10.83 18.79 -1.41
N ALA B 95 -11.05 18.69 -2.72
CA ALA B 95 -9.99 18.36 -3.67
C ALA B 95 -8.88 19.40 -3.75
N GLU B 96 -9.19 20.64 -3.35
CA GLU B 96 -8.20 21.72 -3.31
C GLU B 96 -7.15 21.41 -2.23
N HIS B 97 -7.64 20.98 -1.07
CA HIS B 97 -6.78 20.54 0.02
C HIS B 97 -5.97 19.33 -0.44
N ALA B 98 -6.65 18.44 -1.16
CA ALA B 98 -6.04 17.22 -1.70
C ALA B 98 -4.85 17.47 -2.62
N ILE B 99 -4.92 18.51 -3.44
CA ILE B 99 -3.82 18.79 -4.38
C ILE B 99 -2.63 19.45 -3.68
N TYR B 100 -2.91 20.29 -2.68
CA TYR B 100 -1.86 20.87 -1.86
C TYR B 100 -1.13 19.78 -1.10
N ASP B 101 -1.90 18.84 -0.57
CA ASP B 101 -1.39 17.71 0.19
C ASP B 101 -0.44 16.83 -0.63
N MET B 102 -0.80 16.58 -1.88
CA MET B 102 0.03 15.77 -2.77
C MET B 102 1.42 16.37 -2.92
N PHE B 103 1.48 17.67 -3.20
CA PHE B 103 2.77 18.33 -3.31
C PHE B 103 3.54 18.34 -1.99
N ASP B 104 2.85 18.54 -0.88
CA ASP B 104 3.51 18.52 0.43
CA ASP B 104 3.53 18.52 0.42
C ASP B 104 4.19 17.17 0.69
N ARG B 105 3.50 16.08 0.33
CA ARG B 105 4.04 14.73 0.48
C ARG B 105 5.21 14.48 -0.47
N LEU B 106 5.11 15.00 -1.69
CA LEU B 106 6.21 14.90 -2.65
C LEU B 106 7.40 15.71 -2.16
N GLU B 107 7.16 16.93 -1.69
CA GLU B 107 8.21 17.79 -1.19
C GLU B 107 8.93 17.21 0.05
N GLN B 108 8.16 16.54 0.91
CA GLN B 108 8.70 15.95 2.13
C GLN B 108 9.65 14.78 1.85
N LYS B 109 9.52 14.20 0.66
CA LYS B 109 10.39 13.11 0.23
C LYS B 109 11.55 13.68 -0.58
N GLY B 110 11.60 15.00 -0.68
CA GLY B 110 12.66 15.69 -1.40
C GLY B 110 12.45 15.73 -2.90
N ILE B 111 11.24 15.40 -3.34
CA ILE B 111 10.91 15.40 -4.76
C ILE B 111 10.29 16.74 -5.17
N LEU B 112 10.87 17.38 -6.17
CA LEU B 112 10.24 18.52 -6.83
C LEU B 112 9.62 18.03 -8.13
N PHE B 113 8.37 17.58 -8.03
CA PHE B 113 7.59 16.96 -9.09
C PHE B 113 7.69 17.76 -10.38
N VAL B 114 8.15 17.11 -11.45
CA VAL B 114 8.36 17.80 -12.73
C VAL B 114 7.12 17.79 -13.63
N ASP B 115 6.59 16.61 -13.92
CA ASP B 115 5.51 16.48 -14.89
C ASP B 115 4.16 16.66 -14.24
N THR B 116 3.74 17.92 -14.13
CA THR B 116 2.49 18.26 -13.46
C THR B 116 1.37 18.50 -14.45
N THR B 117 1.22 17.60 -15.41
CA THR B 117 0.10 17.65 -16.32
C THR B 117 -1.03 16.78 -15.81
N GLU B 118 -2.20 16.90 -16.44
CA GLU B 118 -3.41 16.27 -15.94
C GLU B 118 -3.47 14.77 -16.12
N THR B 119 -2.64 14.25 -17.03
CA THR B 119 -2.58 12.81 -17.25
C THR B 119 -1.60 12.14 -16.30
N ASN B 120 -0.84 12.92 -15.53
CA ASN B 120 0.14 12.32 -14.62
C ASN B 120 -0.31 12.23 -13.16
N VAL B 121 -1.53 12.66 -12.87
CA VAL B 121 -2.08 12.47 -11.54
C VAL B 121 -3.44 11.79 -11.61
N LEU B 122 -3.71 10.94 -10.64
CA LEU B 122 -5.02 10.31 -10.51
C LEU B 122 -5.73 10.88 -9.28
N TYR B 123 -7.04 11.06 -9.38
CA TYR B 123 -7.82 11.50 -8.23
C TYR B 123 -8.59 10.33 -7.63
N ASP B 124 -8.30 10.02 -6.37
CA ASP B 124 -9.03 9.01 -5.62
C ASP B 124 -10.19 9.70 -4.93
N ARG B 125 -11.38 9.57 -5.50
CA ARG B 125 -12.55 10.32 -5.03
C ARG B 125 -13.03 9.85 -3.66
N ALA B 126 -12.92 8.56 -3.42
CA ALA B 126 -13.40 7.99 -2.18
C ALA B 126 -12.55 8.44 -0.99
N LYS B 127 -11.27 8.66 -1.24
CA LYS B 127 -10.36 9.04 -0.17
C LYS B 127 -10.00 10.51 -0.22
N ASN B 128 -10.41 11.18 -1.30
CA ASN B 128 -10.02 12.57 -1.57
C ASN B 128 -8.50 12.68 -1.59
N GLU B 129 -7.87 11.91 -2.48
CA GLU B 129 -6.42 11.91 -2.60
C GLU B 129 -5.95 12.02 -4.06
N PHE B 130 -5.00 12.91 -4.30
CA PHE B 130 -4.30 12.94 -5.58
C PHE B 130 -3.02 12.13 -5.48
N ASN B 131 -2.79 11.28 -6.47
CA ASN B 131 -1.62 10.42 -6.54
C ASN B 131 -0.86 10.63 -7.84
N PRO B 132 0.44 10.97 -7.75
CA PRO B 132 1.26 11.08 -8.97
C PRO B 132 1.61 9.72 -9.57
N ILE B 133 1.67 9.64 -10.89
CA ILE B 133 2.03 8.39 -11.56
C ILE B 133 3.52 8.35 -11.89
N ASP B 134 3.93 9.05 -12.94
CA ASP B 134 5.34 9.11 -13.30
C ASP B 134 6.00 10.25 -12.54
N ILE B 135 6.91 9.90 -11.65
CA ILE B 135 7.53 10.89 -10.77
C ILE B 135 9.00 11.11 -11.13
N SER B 136 9.33 12.32 -11.52
CA SER B 136 10.71 12.73 -11.63
C SER B 136 10.88 14.04 -10.88
N SER B 137 12.11 14.37 -10.54
CA SER B 137 12.38 15.56 -9.75
C SER B 137 13.36 16.52 -10.41
N TYR B 138 13.18 17.80 -10.10
CA TYR B 138 14.15 18.81 -10.50
C TYR B 138 15.46 18.59 -9.76
N ASN B 139 16.56 18.63 -10.52
CA ASN B 139 17.87 18.43 -9.97
C ASN B 139 18.75 19.66 -10.16
N VAL B 140 19.57 19.95 -9.17
CA VAL B 140 20.56 21.01 -9.30
C VAL B 140 21.73 20.54 -10.22
N SER B 141 21.35 19.83 -11.28
CA SER B 141 22.21 19.42 -12.38
C SER B 141 22.99 20.61 -12.96
N ASP B 142 24.20 20.79 -12.42
CA ASP B 142 25.02 22.01 -12.55
C ASP B 142 24.35 23.24 -11.90
N SER B 146 20.45 26.43 -12.79
CA SER B 146 20.60 27.18 -11.55
C SER B 146 19.43 26.93 -10.61
N GLU B 147 19.65 27.22 -9.32
CA GLU B 147 18.64 27.01 -8.30
C GLU B 147 17.43 27.94 -8.46
N SER B 148 17.67 29.16 -8.92
CA SER B 148 16.60 30.14 -9.16
C SER B 148 15.68 29.68 -10.28
N GLN B 149 16.27 29.10 -11.32
CA GLN B 149 15.50 28.63 -12.47
C GLN B 149 14.69 27.36 -12.17
N ILE B 150 15.26 26.49 -11.34
CA ILE B 150 14.58 25.26 -10.92
C ILE B 150 13.34 25.58 -10.09
N MET B 151 13.51 26.49 -9.12
CA MET B 151 12.43 26.90 -8.23
C MET B 151 11.33 27.66 -8.99
N GLN B 152 11.73 28.47 -9.96
CA GLN B 152 10.79 29.16 -10.82
C GLN B 152 10.01 28.17 -11.71
N SER B 153 10.71 27.18 -12.25
CA SER B 153 10.04 26.16 -13.06
C SER B 153 9.14 25.28 -12.22
N TYR B 154 9.61 24.92 -11.03
CA TYR B 154 8.83 24.06 -10.13
C TYR B 154 7.56 24.74 -9.59
N HIS B 155 7.68 26.00 -9.16
CA HIS B 155 6.51 26.75 -8.71
C HIS B 155 5.50 26.89 -9.87
N GLY B 156 5.99 27.13 -11.09
CA GLY B 156 5.14 27.27 -12.24
C GLY B 156 4.30 26.05 -12.56
N GLY B 157 4.94 24.88 -12.54
CA GLY B 157 4.25 23.64 -12.81
C GLY B 157 3.27 23.26 -11.70
N LYS B 158 3.70 23.48 -10.46
CA LYS B 158 2.85 23.21 -9.32
CA LYS B 158 2.84 23.22 -9.31
C LYS B 158 1.58 24.08 -9.36
N GLN B 159 1.77 25.37 -9.61
CA GLN B 159 0.63 26.28 -9.70
C GLN B 159 -0.26 25.97 -10.92
N ASP B 160 0.34 25.48 -11.99
CA ASP B 160 -0.40 25.11 -13.18
C ASP B 160 -1.36 23.95 -12.90
N LEU B 161 -0.90 22.94 -12.17
CA LEU B 161 -1.75 21.80 -11.86
C LEU B 161 -2.84 22.18 -10.86
N ILE B 162 -2.50 23.00 -9.88
CA ILE B 162 -3.49 23.52 -8.93
C ILE B 162 -4.60 24.27 -9.68
N SER B 163 -4.24 25.01 -10.71
CA SER B 163 -5.21 25.74 -11.53
C SER B 163 -6.14 24.78 -12.29
N VAL B 164 -5.58 23.73 -12.88
CA VAL B 164 -6.38 22.70 -13.56
C VAL B 164 -7.43 22.13 -12.62
N VAL B 165 -6.98 21.73 -11.44
CA VAL B 165 -7.83 21.19 -10.39
C VAL B 165 -8.88 22.18 -9.92
N LEU B 166 -8.45 23.36 -9.50
CA LEU B 166 -9.36 24.39 -8.99
C LEU B 166 -10.48 24.75 -9.96
N SER B 167 -10.19 24.70 -11.26
CA SER B 167 -11.17 25.10 -12.26
C SER B 167 -12.28 24.07 -12.40
N LYS B 168 -12.14 22.95 -11.70
CA LYS B 168 -13.12 21.86 -11.73
C LYS B 168 -14.07 21.91 -10.55
N ILE B 169 -13.72 22.70 -9.54
CA ILE B 169 -14.50 22.77 -8.31
C ILE B 169 -15.72 23.69 -8.42
#